data_5A8Y
#
_entry.id   5A8Y
#
_cell.length_a   73.025
_cell.length_b   73.025
_cell.length_c   69.842
_cell.angle_alpha   90.00
_cell.angle_beta   90.00
_cell.angle_gamma   120.00
#
_symmetry.space_group_name_H-M   'P 63'
#
loop_
_entity.id
_entity.type
_entity.pdbx_description
1 polymer 'NEUTROPHIL ELASTASE'
2 branched 2-acetamido-2-deoxy-beta-D-glucopyranose-(1-4)-[alpha-L-fucopyranose-(1-6)]2-acetamido-2-deoxy-beta-D-glucopyranose
3 branched alpha-L-fucopyranose-(1-6)-2-acetamido-2-deoxy-beta-D-glucopyranose
4 non-polymer 'METHYL {(7R)-6-CYANO-7-(4-CYANOPHENYL)-5-METHYL-4-[3-(TRIFLUOROMETHYL)PHENYL]-4,7-DIHYDRO[1,2,4]TRIAZOLO[1,5-A]PYRIMIDIN-2-YL}CARBAMATE'
5 non-polymer '2-(N-MORPHOLINO)-ETHANESULFONIC ACID'
6 non-polymer 'MALONATE ION'
7 water water
#
_entity_poly.entity_id   1
_entity_poly.type   'polypeptide(L)'
_entity_poly.pdbx_seq_one_letter_code
;IVGGRRARPHAWPFMVSLQLRGGHFCGATLIAPNFVMSAAHCVANVNVRAVRVVLGAHNLSRREPTRQVFAVQRIFENGY
DPVNLLNDIVILQLNGSATINANVQVAQLPAQGRRLGNGVQCLAMGWGLLGRNRGIASVLQELNVTVVTSLCRRSNVCTL
VRGRQAGVCFGDSGSPLVCNGLIHGIASFVRGGCASGLYPDAFAPVAQFVNWIDSIIQ
;
_entity_poly.pdbx_strand_id   A
#
# COMPACT_ATOMS: atom_id res chain seq x y z
N ILE A 1 -2.77 -7.93 7.53
CA ILE A 1 -2.44 -9.14 6.70
C ILE A 1 -2.85 -10.37 7.52
N VAL A 2 -3.79 -11.13 6.95
CA VAL A 2 -4.26 -12.40 7.56
C VAL A 2 -3.58 -13.56 6.88
N GLY A 3 -2.92 -14.39 7.67
CA GLY A 3 -2.34 -15.64 7.19
C GLY A 3 -0.99 -15.40 6.55
N GLY A 4 -0.41 -14.22 6.80
CA GLY A 4 0.93 -13.91 6.31
C GLY A 4 2.04 -14.27 7.28
N ARG A 5 3.17 -13.55 7.18
CA ARG A 5 4.37 -13.80 8.02
C ARG A 5 5.09 -12.52 8.24
N ARG A 6 6.00 -12.47 9.23
CA ARG A 6 6.81 -11.28 9.43
C ARG A 6 7.70 -11.12 8.23
N ALA A 7 7.78 -9.89 7.74
CA ALA A 7 8.83 -9.54 6.80
C ALA A 7 10.17 -9.51 7.52
N ARG A 8 11.25 -9.78 6.77
CA ARG A 8 12.62 -9.53 7.26
C ARG A 8 12.70 -8.03 7.58
N PRO A 9 13.39 -7.65 8.68
CA PRO A 9 13.40 -6.21 8.99
C PRO A 9 13.98 -5.40 7.82
N HIS A 10 13.28 -4.33 7.46
CA HIS A 10 13.66 -3.47 6.32
C HIS A 10 13.85 -4.16 4.97
N ALA A 11 13.13 -5.27 4.77
CA ALA A 11 13.12 -5.93 3.46
C ALA A 11 12.52 -5.10 2.34
N TRP A 12 11.55 -4.23 2.71
CA TRP A 12 10.74 -3.44 1.74
C TRP A 12 10.90 -1.95 2.09
N PRO A 13 12.09 -1.36 1.77
CA PRO A 13 12.37 -0.03 2.33
C PRO A 13 11.55 1.11 1.76
N PHE A 14 10.74 0.82 0.76
CA PHE A 14 9.77 1.80 0.23
C PHE A 14 8.44 1.79 1.02
N MET A 15 8.30 0.86 1.96
CA MET A 15 7.05 0.68 2.71
C MET A 15 6.92 1.76 3.78
N VAL A 16 5.71 2.37 3.84
CA VAL A 16 5.46 3.54 4.67
C VAL A 16 4.25 3.28 5.61
N SER A 17 4.37 3.74 6.86
CA SER A 17 3.26 3.76 7.78
C SER A 17 2.71 5.18 7.88
N LEU A 18 1.41 5.34 7.59
CA LEU A 18 0.72 6.59 7.85
C LEU A 18 0.10 6.48 9.25
N GLN A 19 0.32 7.54 10.05
CA GLN A 19 -0.08 7.46 11.47
C GLN A 19 -0.81 8.73 11.89
N LEU A 20 -1.67 8.55 12.89
CA LEU A 20 -2.36 9.65 13.58
C LEU A 20 -2.05 9.46 15.06
N ARG A 21 -2.08 10.54 15.82
CA ARG A 21 -1.83 10.49 17.27
C ARG A 21 -0.99 9.29 17.82
N GLY A 22 1.68 8.60 15.63
CA GLY A 22 1.17 7.90 16.83
C GLY A 22 0.72 6.46 16.55
N GLY A 23 -0.52 6.29 16.05
CA GLY A 23 -1.04 4.97 15.72
C GLY A 23 -1.24 4.80 14.22
N HIS A 24 -0.72 3.71 13.68
CA HIS A 24 -0.85 3.34 12.28
C HIS A 24 -2.33 3.25 11.88
N PHE A 25 -2.67 3.85 10.73
CA PHE A 25 -4.02 3.67 10.15
C PHE A 25 -4.00 3.23 8.66
N CYS A 26 -2.85 3.35 7.99
CA CYS A 26 -2.81 3.02 6.56
C CYS A 26 -1.35 2.85 6.16
N GLY A 27 -1.14 2.04 5.14
CA GLY A 27 0.14 1.94 4.46
C GLY A 27 0.31 3.01 3.37
N ALA A 28 1.53 3.10 2.85
CA ALA A 28 1.79 3.97 1.68
C ALA A 28 3.13 3.49 1.09
N THR A 29 3.53 4.02 -0.05
CA THR A 29 4.78 3.63 -0.73
C THR A 29 5.52 4.89 -1.03
N LEU A 30 6.82 4.92 -0.72
CA LEU A 30 7.68 6.03 -1.10
C LEU A 30 7.99 5.96 -2.60
N ILE A 31 7.55 6.97 -3.35
CA ILE A 31 7.76 6.94 -4.80
C ILE A 31 8.75 7.98 -5.34
N ALA A 32 9.19 8.87 -4.45
CA ALA A 32 10.26 9.87 -4.68
C ALA A 32 10.63 10.34 -3.28
N PRO A 33 11.80 11.01 -3.11
CA PRO A 33 12.11 11.41 -1.73
C PRO A 33 11.03 12.25 -1.07
N ASN A 34 10.27 13.03 -1.82
CA ASN A 34 9.28 13.91 -1.20
C ASN A 34 7.85 13.60 -1.54
N PHE A 35 7.61 12.37 -2.01
CA PHE A 35 6.24 11.94 -2.29
C PHE A 35 6.00 10.48 -1.87
N VAL A 36 4.83 10.21 -1.29
CA VAL A 36 4.36 8.85 -1.05
C VAL A 36 3.05 8.71 -1.80
N MET A 37 2.71 7.48 -2.15
CA MET A 37 1.42 7.21 -2.73
C MET A 37 0.65 6.20 -1.85
N SER A 38 -0.66 6.38 -1.77
CA SER A 38 -1.52 5.61 -0.86
C SER A 38 -2.90 5.53 -1.53
N ALA A 39 -3.85 4.92 -0.81
CA ALA A 39 -5.20 4.82 -1.29
C ALA A 39 -5.96 6.09 -0.91
N ALA A 40 -6.77 6.58 -1.84
CA ALA A 40 -7.60 7.78 -1.58
C ALA A 40 -8.55 7.59 -0.40
N HIS A 41 -9.03 6.36 -0.18
CA HIS A 41 -9.94 6.15 0.95
C HIS A 41 -9.26 6.32 2.32
N CYS A 42 -7.93 6.20 2.36
CA CYS A 42 -7.14 6.37 3.61
C CYS A 42 -7.23 7.79 4.14
N VAL A 43 -7.33 8.75 3.23
CA VAL A 43 -7.29 10.14 3.65
C VAL A 43 -8.58 10.92 3.37
N ALA A 44 -9.62 10.28 2.84
CA ALA A 44 -10.89 11.02 2.66
C ALA A 44 -11.39 11.17 4.10
N ASN A 45 -11.99 12.25 4.54
CA ASN A 45 -12.39 12.17 5.99
C ASN A 45 -11.28 12.12 7.05
N VAL A 46 -10.03 12.28 6.66
CA VAL A 46 -8.96 12.48 7.62
C VAL A 46 -8.43 13.89 7.45
N ASN A 47 -8.06 14.51 8.56
CA ASN A 47 -7.36 15.78 8.52
C ASN A 47 -5.90 15.49 8.22
N VAL A 48 -5.50 15.77 6.98
CA VAL A 48 -4.17 15.46 6.52
C VAL A 48 -3.09 16.28 7.23
N ARG A 49 -3.44 17.47 7.71
CA ARG A 49 -2.47 18.23 8.51
C ARG A 49 -2.05 17.48 9.78
N ALA A 50 -2.80 16.45 10.19
CA ALA A 50 -2.46 15.65 11.38
C ALA A 50 -1.66 14.38 11.07
N VAL A 51 -1.56 14.03 9.81
CA VAL A 51 -1.01 12.73 9.44
C VAL A 51 0.52 12.77 9.51
N ARG A 52 1.08 11.77 10.15
CA ARG A 52 2.51 11.56 10.08
C ARG A 52 2.93 10.41 9.14
N VAL A 53 3.93 10.70 8.35
CA VAL A 53 4.37 9.78 7.33
C VAL A 53 5.65 9.18 7.86
N VAL A 54 5.62 7.87 8.17
CA VAL A 54 6.74 7.25 8.90
C VAL A 54 7.45 6.33 7.92
N LEU A 55 8.71 6.68 7.59
CA LEU A 55 9.53 5.90 6.68
C LEU A 55 10.48 5.08 7.53
N GLY A 56 10.98 4.00 6.96
CA GLY A 56 12.06 3.23 7.61
C GLY A 56 11.62 2.44 8.83
N ALA A 57 10.32 2.15 8.95
CA ALA A 57 9.82 1.48 10.16
C ALA A 57 9.81 -0.04 9.95
N HIS A 58 9.81 -0.80 11.06
CA HIS A 58 9.60 -2.24 10.93
C HIS A 58 8.67 -2.73 11.98
N ASN A 59 9.09 -2.51 13.23
CA ASN A 59 8.30 -2.86 14.41
C ASN A 59 7.74 -1.59 15.04
N LEU A 60 6.46 -1.38 14.82
CA LEU A 60 5.80 -0.15 15.21
C LEU A 60 5.72 0.02 16.73
N SER A 61 5.87 -1.10 17.45
CA SER A 61 5.75 -1.11 18.91
C SER A 61 7.01 -0.65 19.61
N ARG A 62 8.13 -0.58 18.87
CA ARG A 62 9.45 -0.26 19.39
C ARG A 62 9.92 1.12 18.96
N ARG A 63 10.80 1.71 19.75
CA ARG A 63 11.57 2.88 19.30
C ARG A 63 12.51 2.40 18.21
N GLU A 64 12.51 3.09 17.07
CA GLU A 64 13.36 2.72 15.95
C GLU A 64 14.11 3.92 15.39
N PRO A 65 15.40 4.05 15.71
CA PRO A 65 16.21 5.13 15.14
C PRO A 65 16.33 5.13 13.60
N THR A 66 16.02 4.01 12.92
CA THR A 66 15.91 3.97 11.45
C THR A 66 14.78 4.80 10.85
N ARG A 67 13.83 5.22 11.69
CA ARG A 67 12.65 5.91 11.18
C ARG A 67 12.91 7.36 10.78
N GLN A 68 12.17 7.83 9.78
CA GLN A 68 12.12 9.25 9.45
C GLN A 68 10.68 9.63 9.34
N VAL A 69 10.33 10.79 9.90
CA VAL A 69 8.94 11.17 10.01
C VAL A 69 8.72 12.50 9.29
N PHE A 70 7.72 12.49 8.42
CA PHE A 70 7.34 13.70 7.69
C PHE A 70 5.86 14.01 7.90
N ALA A 71 5.51 15.23 7.53
CA ALA A 71 4.14 15.66 7.49
C ALA A 71 3.75 15.85 6.02
N VAL A 72 2.44 15.97 5.79
CA VAL A 72 1.91 16.08 4.44
C VAL A 72 1.71 17.56 4.12
N GLN A 73 2.32 18.00 3.01
CA GLN A 73 2.31 19.40 2.56
C GLN A 73 1.14 19.60 1.62
N ARG A 74 0.93 18.64 0.73
CA ARG A 74 -0.23 18.69 -0.16
C ARG A 74 -0.61 17.32 -0.72
N ILE A 75 -1.84 17.25 -1.24
CA ILE A 75 -2.39 15.98 -1.73
C ILE A 75 -2.79 16.13 -3.20
N PHE A 76 -2.47 15.10 -3.98
CA PHE A 76 -2.87 15.04 -5.39
C PHE A 76 -3.78 13.85 -5.54
N GLU A 77 -4.95 14.12 -6.09
CA GLU A 77 -5.93 13.09 -6.28
C GLU A 77 -6.12 12.90 -7.77
N ASN A 78 -7.04 11.81 -8.19
CA ASN A 78 -7.16 11.47 -9.61
C ASN A 78 -8.54 10.91 -9.78
N GLY A 79 -9.56 11.68 -9.37
CA GLY A 79 -10.95 11.26 -9.64
C GLY A 79 -11.50 10.19 -8.76
N TYR A 80 -11.00 10.15 -7.52
CA TYR A 80 -11.43 9.18 -6.52
C TYR A 80 -12.94 9.09 -6.55
N ASP A 81 -13.44 7.87 -6.72
CA ASP A 81 -14.87 7.61 -6.85
C ASP A 81 -15.27 6.49 -5.90
N PRO A 82 -15.59 6.84 -4.63
CA PRO A 82 -15.82 5.79 -3.64
C PRO A 82 -17.04 4.94 -3.95
N VAL A 83 -18.09 5.54 -4.53
CA VAL A 83 -19.30 4.80 -4.84
C VAL A 83 -19.02 3.64 -5.81
N ASN A 84 -18.25 3.88 -6.85
CA ASN A 84 -17.93 2.80 -7.79
C ASN A 84 -16.61 2.09 -7.46
N LEU A 85 -16.00 2.48 -6.33
CA LEU A 85 -14.70 1.94 -5.89
C LEU A 85 -13.62 2.09 -6.95
N LEU A 86 -13.50 3.30 -7.51
CA LEU A 86 -12.61 3.58 -8.64
C LEU A 86 -11.61 4.64 -8.31
N ASN A 87 -10.42 4.57 -8.92
CA ASN A 87 -9.41 5.61 -8.79
C ASN A 87 -9.02 5.81 -7.33
N ASP A 88 -8.80 4.69 -6.63
CA ASP A 88 -8.44 4.73 -5.21
C ASP A 88 -6.93 5.00 -5.03
N ILE A 89 -6.52 6.19 -5.43
CA ILE A 89 -5.12 6.56 -5.41
C ILE A 89 -4.96 8.01 -5.03
N VAL A 90 -4.00 8.28 -4.16
CA VAL A 90 -3.63 9.65 -3.84
C VAL A 90 -2.12 9.75 -3.73
N ILE A 91 -1.59 10.89 -4.11
CA ILE A 91 -0.17 11.16 -3.88
C ILE A 91 -0.08 12.25 -2.80
N LEU A 92 0.71 12.01 -1.77
CA LEU A 92 0.90 12.96 -0.70
C LEU A 92 2.32 13.50 -0.84
N GLN A 93 2.41 14.80 -0.98
CA GLN A 93 3.69 15.51 -1.04
C GLN A 93 4.13 15.79 0.40
N LEU A 94 5.38 15.48 0.71
CA LEU A 94 5.85 15.61 2.08
C LEU A 94 6.36 17.05 2.31
N ASN A 95 6.52 17.40 3.58
CA ASN A 95 7.07 18.69 3.97
C ASN A 95 8.59 18.82 3.81
N GLY A 96 9.25 17.77 3.30
CA GLY A 96 10.71 17.73 3.12
C GLY A 96 11.03 16.44 2.38
N SER A 97 12.31 16.11 2.15
CA SER A 97 12.68 14.96 1.33
C SER A 97 13.32 13.93 2.26
N ALA A 98 12.99 12.65 2.04
CA ALA A 98 13.57 11.56 2.80
C ALA A 98 15.08 11.51 2.52
N THR A 99 15.83 11.04 3.50
CA THR A 99 17.21 10.65 3.27
C THR A 99 17.18 9.19 2.79
N ILE A 100 17.57 8.97 1.54
CA ILE A 100 17.57 7.64 0.97
C ILE A 100 18.77 6.83 1.50
N ASN A 101 18.48 5.68 2.12
CA ASN A 101 19.50 4.82 2.71
C ASN A 101 19.08 3.35 2.70
N ALA A 102 19.75 2.51 3.50
CA ALA A 102 19.43 1.06 3.49
C ALA A 102 17.99 0.80 3.93
N ASN A 103 17.45 1.68 4.74
CA ASN A 103 16.13 1.46 5.32
C ASN A 103 14.99 2.27 4.66
N VAL A 104 15.35 3.17 3.76
CA VAL A 104 14.42 4.06 3.11
C VAL A 104 14.82 4.21 1.63
N GLN A 105 14.03 3.61 0.71
CA GLN A 105 14.30 3.54 -0.72
C GLN A 105 13.07 3.90 -1.50
N VAL A 106 13.26 4.46 -2.71
CA VAL A 106 12.17 4.83 -3.58
C VAL A 106 11.74 3.54 -4.32
N ALA A 107 10.43 3.27 -4.46
CA ALA A 107 9.94 2.08 -5.16
C ALA A 107 10.10 2.24 -6.69
N GLN A 108 10.01 1.13 -7.40
CA GLN A 108 10.09 1.10 -8.85
C GLN A 108 8.69 0.76 -9.33
N LEU A 109 8.23 1.49 -10.33
CA LEU A 109 6.87 1.40 -10.84
C LEU A 109 6.90 0.76 -12.22
N PRO A 110 5.75 0.18 -12.65
CA PRO A 110 5.66 -0.50 -13.94
C PRO A 110 5.51 0.52 -15.07
N ALA A 111 5.52 0.03 -16.31
CA ALA A 111 5.29 0.83 -17.48
C ALA A 111 3.83 1.23 -17.47
N GLN A 112 3.54 2.43 -17.96
CA GLN A 112 2.14 2.82 -18.20
C GLN A 112 1.41 1.76 -18.99
N GLY A 113 0.23 1.38 -18.48
CA GLY A 113 -0.67 0.45 -19.11
C GLY A 113 -0.33 -1.03 -18.93
N ARG A 114 0.73 -1.37 -18.21
CA ARG A 114 1.17 -2.78 -18.17
C ARG A 114 0.16 -3.59 -17.38
N ARG A 115 -0.41 -4.60 -18.02
CA ARG A 115 -1.33 -5.52 -17.37
C ARG A 115 -0.61 -6.78 -16.79
N LEU A 116 -1.22 -7.39 -15.78
CA LEU A 116 -0.72 -8.60 -15.14
C LEU A 116 -1.68 -9.72 -15.46
N GLY A 117 -1.11 -10.83 -15.92
CA GLY A 117 -1.92 -11.98 -16.31
C GLY A 117 -2.34 -12.79 -15.10
N ASN A 118 -3.43 -13.52 -15.25
CA ASN A 118 -3.79 -14.54 -14.33
C ASN A 118 -2.62 -15.43 -13.93
N GLY A 119 -2.36 -15.58 -12.62
CA GLY A 119 -1.24 -16.42 -12.17
C GLY A 119 0.02 -15.68 -11.77
N VAL A 120 0.07 -14.36 -12.02
CA VAL A 120 1.25 -13.61 -11.63
C VAL A 120 1.43 -13.74 -10.11
N GLN A 121 2.64 -13.98 -9.64
CA GLN A 121 2.89 -14.08 -8.20
C GLN A 121 3.38 -12.73 -7.63
N CYS A 122 2.73 -12.27 -6.57
CA CYS A 122 3.06 -10.98 -5.92
C CYS A 122 3.19 -11.16 -4.43
N LEU A 123 3.74 -10.15 -3.75
CA LEU A 123 3.66 -10.07 -2.30
C LEU A 123 2.77 -8.89 -1.92
N ALA A 124 1.74 -9.16 -1.13
CA ALA A 124 1.06 -8.09 -0.38
C ALA A 124 1.78 -7.86 0.96
N MET A 125 1.59 -6.70 1.59
CA MET A 125 2.27 -6.48 2.86
C MET A 125 1.53 -5.38 3.61
N GLY A 126 1.75 -5.32 4.92
CA GLY A 126 1.30 -4.16 5.67
C GLY A 126 1.20 -4.42 7.15
N TRP A 127 0.79 -3.38 7.88
CA TRP A 127 0.65 -3.53 9.32
C TRP A 127 -0.80 -3.67 9.76
N GLY A 128 -1.67 -4.08 8.84
CA GLY A 128 -3.10 -4.23 9.10
C GLY A 128 -3.46 -5.41 9.98
N LEU A 129 -4.76 -5.54 10.22
CA LEU A 129 -5.19 -6.58 11.16
C LEU A 129 -4.72 -7.98 10.74
N LEU A 130 -4.48 -8.80 11.76
CA LEU A 130 -3.86 -10.07 11.61
C LEU A 130 -4.90 -11.17 11.52
N GLY A 131 -6.15 -10.78 11.74
CA GLY A 131 -7.32 -11.67 11.86
C GLY A 131 -8.18 -11.07 13.00
N ARG A 134 -4.34 -11.19 16.68
CA ARG A 134 -5.36 -10.25 16.21
C ARG A 134 -5.09 -8.76 16.56
N GLY A 135 -5.92 -7.87 16.04
CA GLY A 135 -5.64 -6.44 16.10
C GLY A 135 -4.54 -6.15 15.10
N ILE A 136 -3.97 -4.98 15.20
CA ILE A 136 -3.03 -4.48 14.22
C ILE A 136 -1.65 -5.19 14.44
N ALA A 137 -0.90 -5.41 13.36
CA ALA A 137 0.44 -6.00 13.47
C ALA A 137 1.40 -5.00 14.11
N SER A 138 2.35 -5.49 14.90
CA SER A 138 3.49 -4.65 15.33
C SER A 138 4.59 -4.71 14.28
N VAL A 139 4.97 -5.93 13.91
CA VAL A 139 5.98 -6.15 12.90
C VAL A 139 5.33 -6.22 11.52
N LEU A 140 5.95 -5.55 10.55
CA LEU A 140 5.44 -5.59 9.18
C LEU A 140 5.22 -7.00 8.71
N GLN A 141 4.08 -7.24 8.07
CA GLN A 141 3.76 -8.58 7.60
C GLN A 141 3.79 -8.61 6.10
N GLU A 142 4.11 -9.78 5.52
CA GLU A 142 3.97 -9.98 4.07
C GLU A 142 3.23 -11.26 3.77
N LEU A 143 2.75 -11.39 2.54
CA LEU A 143 1.93 -12.51 2.12
C LEU A 143 2.07 -12.79 0.61
N ASN A 144 2.34 -14.05 0.27
CA ASN A 144 2.32 -14.44 -1.15
C ASN A 144 0.89 -14.53 -1.64
N VAL A 145 0.61 -13.81 -2.72
CA VAL A 145 -0.72 -13.79 -3.32
C VAL A 145 -0.58 -14.01 -4.84
N THR A 146 -1.68 -14.37 -5.51
CA THR A 146 -1.69 -14.64 -6.95
C THR A 146 -2.72 -13.77 -7.67
N VAL A 147 -2.30 -13.08 -8.72
CA VAL A 147 -3.23 -12.29 -9.55
C VAL A 147 -4.33 -13.17 -10.15
N VAL A 148 -5.58 -12.73 -9.98
CA VAL A 148 -6.71 -13.37 -10.64
C VAL A 148 -7.45 -12.29 -11.41
N THR A 149 -7.97 -12.65 -12.59
CA THR A 149 -8.77 -11.71 -13.34
C THR A 149 -10.23 -12.05 -13.18
N SER A 150 -10.55 -13.20 -12.61
CA SER A 150 -11.94 -13.58 -12.42
C SER A 150 -12.49 -13.01 -11.07
N LEU A 151 -13.77 -12.63 -11.04
CA LEU A 151 -14.36 -11.90 -9.87
C LEU A 151 -13.51 -10.66 -9.52
N CYS A 152 -13.01 -9.86 -10.78
CA CYS A 152 -12.21 -8.65 -10.72
C CYS A 152 -12.50 -7.96 -12.01
N ARG A 153 -12.73 -6.37 -11.87
CA ARG A 153 -12.92 -5.48 -13.00
C ARG A 153 -11.56 -5.13 -13.56
N ARG A 154 -11.54 -4.64 -14.79
CA ARG A 154 -10.30 -4.20 -15.43
C ARG A 154 -9.79 -2.96 -14.76
N SER A 155 -10.64 -2.35 -13.93
CA SER A 155 -10.25 -1.16 -13.18
C SER A 155 -9.51 -1.51 -11.87
N ASN A 156 -9.26 -2.79 -11.63
CA ASN A 156 -8.48 -3.21 -10.48
C ASN A 156 -7.44 -4.29 -10.88
N VAL A 157 -6.41 -4.42 -10.04
CA VAL A 157 -5.62 -5.63 -9.98
C VAL A 157 -6.19 -6.39 -8.79
N CYS A 158 -6.59 -7.66 -8.98
CA CYS A 158 -7.12 -8.45 -7.84
C CYS A 158 -6.22 -9.64 -7.60
N THR A 159 -6.21 -10.09 -6.36
CA THR A 159 -5.37 -11.21 -5.98
C THR A 159 -6.10 -12.20 -5.09
N LEU A 160 -5.65 -13.45 -5.09
CA LEU A 160 -6.30 -14.46 -4.25
C LEU A 160 -5.28 -15.45 -3.79
N VAL A 161 -5.39 -15.88 -2.56
CA VAL A 161 -4.58 -17.02 -2.06
C VAL A 161 -5.48 -18.28 -2.16
N ARG A 162 -5.01 -19.34 -2.79
CA ARG A 162 -5.87 -20.52 -3.00
C ARG A 162 -5.53 -21.53 -1.95
N GLY A 163 -6.49 -22.34 -1.50
CA GLY A 163 -6.14 -23.49 -0.65
C GLY A 163 -6.10 -23.22 0.84
N ARG A 164 -6.41 -21.98 1.20
CA ARG A 164 -6.54 -21.51 2.60
C ARG A 164 -7.06 -20.08 2.58
N GLN A 165 -7.49 -19.58 3.73
CA GLN A 165 -8.02 -18.22 3.85
C GLN A 165 -6.93 -17.22 4.32
N ALA A 166 -6.62 -16.23 3.49
CA ALA A 166 -5.51 -15.32 3.81
C ALA A 166 -5.72 -14.13 2.88
N GLY A 167 -5.28 -12.95 3.29
CA GLY A 167 -5.49 -11.77 2.45
C GLY A 167 -5.19 -10.52 3.21
N VAL A 168 -5.38 -9.35 2.57
CA VAL A 168 -5.19 -8.07 3.27
C VAL A 168 -6.41 -7.79 4.13
N CYS A 169 -6.31 -6.81 5.02
CA CYS A 169 -7.40 -6.51 5.94
C CYS A 169 -7.30 -5.06 6.36
N PHE A 170 -8.11 -4.64 7.35
CA PHE A 170 -8.15 -3.22 7.72
C PHE A 170 -6.77 -2.78 8.23
N GLY A 171 -6.34 -1.58 7.84
CA GLY A 171 -5.00 -1.08 8.19
C GLY A 171 -3.99 -1.44 7.12
N ASP A 172 -4.31 -2.41 6.24
CA ASP A 172 -3.44 -2.64 5.10
C ASP A 172 -3.81 -1.70 3.93
N SER A 173 -5.00 -1.08 4.01
CA SER A 173 -5.38 -0.04 3.04
C SER A 173 -4.16 0.85 2.66
N GLY A 174 -3.99 1.14 1.38
CA GLY A 174 -2.91 2.02 0.83
C GLY A 174 -1.54 1.41 0.71
N SER A 175 -1.35 0.17 1.19
CA SER A 175 -0.08 -0.53 1.12
C SER A 175 0.18 -1.06 -0.30
N PRO A 176 1.47 -1.17 -0.67
CA PRO A 176 1.84 -1.66 -2.03
C PRO A 176 1.63 -3.18 -2.18
N LEU A 177 1.36 -3.57 -3.41
CA LEU A 177 1.41 -4.94 -3.90
C LEU A 177 2.60 -4.96 -4.88
N VAL A 178 3.59 -5.82 -4.61
CA VAL A 178 4.85 -5.81 -5.37
C VAL A 178 4.82 -7.05 -6.23
N CYS A 179 4.93 -6.88 -7.54
CA CYS A 179 4.84 -8.03 -8.47
C CYS A 179 6.00 -7.84 -9.44
N ASN A 180 6.85 -8.86 -9.56
CA ASN A 180 7.99 -8.77 -10.47
C ASN A 180 8.90 -7.58 -10.14
N GLY A 181 9.06 -7.16 -8.69
CA GLY A 181 9.92 -6.11 -8.16
C GLY A 181 9.30 -4.74 -8.36
N LEU A 182 8.10 -4.69 -8.93
CA LEU A 182 7.46 -3.40 -9.29
C LEU A 182 6.18 -3.17 -8.48
N ILE A 183 5.87 -1.90 -8.13
CA ILE A 183 4.60 -1.65 -7.35
C ILE A 183 3.41 -1.64 -8.30
N HIS A 184 2.63 -2.73 -8.36
CA HIS A 184 1.52 -2.85 -9.29
C HIS A 184 0.16 -2.61 -8.65
N GLY A 185 0.13 -2.51 -7.34
CA GLY A 185 -1.16 -2.26 -6.70
C GLY A 185 -1.03 -1.45 -5.48
N ILE A 186 -2.17 -0.85 -5.08
CA ILE A 186 -2.29 -0.22 -3.76
C ILE A 186 -3.55 -0.81 -3.15
N ALA A 187 -3.46 -1.34 -1.93
CA ALA A 187 -4.59 -2.09 -1.35
C ALA A 187 -5.81 -1.20 -1.27
N SER A 188 -6.93 -1.70 -1.82
CA SER A 188 -8.11 -0.84 -1.98
C SER A 188 -9.37 -1.36 -1.27
N PHE A 189 -9.77 -2.59 -1.58
CA PHE A 189 -11.01 -3.12 -0.93
C PHE A 189 -11.05 -4.63 -0.90
N VAL A 190 -11.79 -5.12 0.09
CA VAL A 190 -12.05 -6.53 0.23
C VAL A 190 -13.61 -6.77 0.24
N ARG A 191 -14.00 -7.98 -0.08
CA ARG A 191 -15.40 -8.43 -0.15
C ARG A 191 -15.46 -9.80 0.57
N GLY A 192 -16.57 -10.05 1.27
CA GLY A 192 -16.71 -11.32 2.04
C GLY A 192 -16.00 -11.30 3.39
N GLY A 193 -15.69 -10.08 3.83
CA GLY A 193 -14.82 -9.87 5.02
C GLY A 193 -13.36 -10.18 4.66
N CYS A 194 -12.41 -9.92 5.55
CA CYS A 194 -11.01 -10.23 5.24
C CYS A 194 -10.84 -11.71 5.06
N ALA A 195 -9.99 -12.10 4.09
CA ALA A 195 -9.51 -13.48 3.97
C ALA A 195 -10.69 -14.43 3.88
N SER A 196 -11.60 -14.15 2.94
CA SER A 196 -12.83 -14.95 2.76
C SER A 196 -12.53 -16.32 2.18
N GLY A 197 -11.51 -16.38 1.32
CA GLY A 197 -11.22 -17.58 0.56
C GLY A 197 -12.19 -17.67 -0.63
N LEU A 198 -12.87 -16.58 -0.94
CA LEU A 198 -13.79 -16.58 -2.08
C LEU A 198 -13.56 -15.40 -2.98
N TYR A 199 -13.72 -14.20 -2.44
CA TYR A 199 -13.51 -12.99 -3.23
C TYR A 199 -12.04 -12.57 -3.23
N PRO A 200 -11.49 -12.30 -4.42
CA PRO A 200 -10.15 -11.76 -4.48
C PRO A 200 -10.04 -10.39 -3.81
N ASP A 201 -8.88 -10.07 -3.23
CA ASP A 201 -8.61 -8.74 -2.72
C ASP A 201 -8.41 -7.77 -3.92
N ALA A 202 -8.83 -6.50 -3.81
CA ALA A 202 -8.75 -5.58 -4.92
C ALA A 202 -7.79 -4.43 -4.63
N PHE A 203 -6.95 -4.11 -5.61
CA PHE A 203 -5.91 -3.10 -5.46
C PHE A 203 -6.14 -2.07 -6.55
N ALA A 204 -5.85 -0.81 -6.26
CA ALA A 204 -5.78 0.19 -7.36
C ALA A 204 -4.65 -0.20 -8.35
N PRO A 205 -4.97 -0.23 -9.65
CA PRO A 205 -4.04 -0.66 -10.68
C PRO A 205 -2.96 0.43 -11.00
N VAL A 206 -1.83 0.42 -10.27
CA VAL A 206 -0.87 1.50 -10.35
C VAL A 206 -0.45 1.73 -11.80
N ALA A 207 -0.32 0.64 -12.57
CA ALA A 207 0.16 0.79 -13.97
C ALA A 207 -0.74 1.72 -14.84
N GLN A 208 -2.01 1.81 -14.52
CA GLN A 208 -2.90 2.74 -15.23
C GLN A 208 -2.57 4.20 -14.92
N PHE A 209 -1.92 4.42 -13.77
CA PHE A 209 -1.77 5.77 -13.25
C PHE A 209 -0.36 6.29 -13.40
N VAL A 210 0.50 5.54 -14.11
CA VAL A 210 1.91 5.88 -14.13
C VAL A 210 2.21 7.25 -14.81
N ASN A 211 1.54 7.54 -15.93
CA ASN A 211 1.78 8.82 -16.57
C ASN A 211 1.39 9.97 -15.59
N TRP A 212 0.27 9.81 -14.86
CA TRP A 212 -0.21 10.83 -13.89
C TRP A 212 0.81 10.98 -12.74
N ILE A 213 1.22 9.84 -12.18
CA ILE A 213 2.27 9.81 -11.16
C ILE A 213 3.53 10.52 -11.65
N ASP A 214 4.02 10.16 -12.85
CA ASP A 214 5.25 10.76 -13.36
C ASP A 214 5.10 12.28 -13.47
N SER A 215 3.92 12.76 -13.89
CA SER A 215 3.67 14.21 -14.03
C SER A 215 3.81 14.96 -12.70
N ILE A 216 3.56 14.28 -11.60
CA ILE A 216 3.56 14.93 -10.31
C ILE A 216 4.93 14.91 -9.68
N ILE A 217 5.63 13.79 -9.80
CA ILE A 217 6.88 13.62 -9.07
C ILE A 217 8.11 14.02 -9.88
N GLN A 218 7.94 14.14 -11.20
CA GLN A 218 8.96 14.59 -12.20
C GLN A 218 9.48 13.52 -13.19
#